data_3WCS
#
_entry.id   3WCS
#
_cell.length_a   76.579
_cell.length_b   196.193
_cell.length_c   98.655
_cell.angle_alpha   90.00
_cell.angle_beta   90.00
_cell.angle_gamma   90.00
#
_symmetry.space_group_name_H-M   'C 2 2 21'
#
loop_
_entity.id
_entity.type
_entity.pdbx_description
1 polymer Erythroagglutinin
2 branched beta-D-galactopyranose-(1-4)-2-acetamido-2-deoxy-beta-D-glucopyranose-(1-2)-alpha-D-mannopyranose
3 branched 2-acetamido-2-deoxy-beta-D-glucopyranose-(1-2)-alpha-D-mannopyranose
4 non-polymer 2-acetamido-2-deoxy-beta-D-glucopyranose
5 non-polymer 'MANGANESE (II) ION'
6 non-polymer 'CALCIUM ION'
7 non-polymer 1,2-ETHANEDIOL
8 water water
#
_entity_poly.entity_id   1
_entity_poly.type   'polypeptide(L)'
_entity_poly.pdbx_seq_one_letter_code
;ASQTSFSFQRFNETNLILQRDATVSSKGQLRLTNVNDNGEPTLSSLGRAFYSAPIQIWDNTTGAVASFATSFTFNIDVPN
NSGPADGLAFVLLPVGSQPKDKGGLLGLFNNYKYDSNAHTVAVEFDTLYNVHWDPKPRHIGIDVNSIKSIKTTTWDFVKG
ENAEVLITYDSSTKLLVASLVYPSLKTSFIVSDTVDLKSVLPEWVIVGFTATTGITKGNVETNDILSWSFASKLSDGTTS
EALNLANFALNQIL
;
_entity_poly.pdbx_strand_id   A,B
#
loop_
_chem_comp.id
_chem_comp.type
_chem_comp.name
_chem_comp.formula
CA non-polymer 'CALCIUM ION' 'Ca 2'
EDO non-polymer 1,2-ETHANEDIOL 'C2 H6 O2'
GAL D-saccharide, beta linking beta-D-galactopyranose 'C6 H12 O6'
MAN D-saccharide, alpha linking alpha-D-mannopyranose 'C6 H12 O6'
MN non-polymer 'MANGANESE (II) ION' 'Mn 2'
NAG D-saccharide, beta linking 2-acetamido-2-deoxy-beta-D-glucopyranose 'C8 H15 N O6'
#
# COMPACT_ATOMS: atom_id res chain seq x y z
N ALA A 1 -8.64 21.10 -2.53
CA ALA A 1 -8.62 22.52 -3.01
C ALA A 1 -8.12 22.66 -4.46
N SER A 2 -6.83 22.49 -4.70
CA SER A 2 -6.35 22.18 -6.05
C SER A 2 -6.28 20.65 -6.12
N GLN A 3 -6.82 20.04 -7.17
CA GLN A 3 -6.74 18.58 -7.31
C GLN A 3 -6.35 18.21 -8.72
N THR A 4 -5.51 17.19 -8.87
CA THR A 4 -5.13 16.69 -10.19
C THR A 4 -5.14 15.18 -10.14
N SER A 5 -5.63 14.53 -11.20
CA SER A 5 -5.44 13.10 -11.27
C SER A 5 -5.40 12.67 -12.73
N PHE A 6 -4.75 11.56 -12.97
CA PHE A 6 -4.77 10.96 -14.31
C PHE A 6 -4.51 9.47 -14.17
N SER A 7 -4.94 8.69 -15.16
CA SER A 7 -4.69 7.26 -15.08
C SER A 7 -4.60 6.75 -16.51
N PHE A 8 -3.51 6.06 -16.83
CA PHE A 8 -3.34 5.53 -18.19
C PHE A 8 -3.02 4.05 -18.15
N GLN A 9 -3.71 3.26 -18.97
CA GLN A 9 -3.37 1.83 -19.12
C GLN A 9 -2.48 1.62 -20.33
N ARG A 10 -2.50 2.59 -21.24
CA ARG A 10 -1.64 2.64 -22.40
C ARG A 10 -1.16 4.06 -22.58
N PHE A 11 0.05 4.20 -23.11
CA PHE A 11 0.73 5.49 -23.22
C PHE A 11 0.79 6.02 -24.63
N ASN A 12 0.93 7.33 -24.72
CA ASN A 12 1.19 8.03 -25.95
C ASN A 12 2.06 9.23 -25.66
N GLU A 13 2.95 9.57 -26.60
CA GLU A 13 3.91 10.65 -26.38
C GLU A 13 3.28 12.05 -26.26
N THR A 14 2.06 12.22 -26.77
CA THR A 14 1.44 13.56 -26.88
C THR A 14 1.33 14.32 -25.56
N ASN A 15 1.03 13.61 -24.45
CA ASN A 15 0.88 14.25 -23.15
C ASN A 15 2.05 13.96 -22.20
N LEU A 16 3.15 13.47 -22.75
CA LEU A 16 4.36 13.18 -21.98
C LEU A 16 5.52 14.05 -22.44
N ILE A 17 6.45 14.34 -21.52
CA ILE A 17 7.73 14.92 -21.87
C ILE A 17 8.74 13.79 -21.80
N LEU A 18 9.31 13.42 -22.96
CA LEU A 18 10.27 12.33 -23.02
C LEU A 18 11.67 12.85 -23.20
N GLN A 19 12.59 12.31 -22.40
CA GLN A 19 13.97 12.71 -22.44
C GLN A 19 14.92 11.56 -22.77
N ARG A 20 15.92 11.85 -23.59
CA ARG A 20 16.98 10.91 -23.94
C ARG A 20 16.43 9.66 -24.59
N ASP A 21 16.67 8.48 -24.01
CA ASP A 21 16.25 7.23 -24.69
C ASP A 21 14.79 6.81 -24.52
N ALA A 22 14.00 7.54 -23.74
CA ALA A 22 12.64 7.14 -23.45
C ALA A 22 11.78 7.16 -24.72
N THR A 23 11.01 6.10 -24.93
CA THR A 23 10.07 6.04 -26.08
C THR A 23 8.73 5.50 -25.64
N VAL A 24 7.71 5.70 -26.50
CA VAL A 24 6.47 4.99 -26.33
C VAL A 24 6.38 4.01 -27.52
N SER A 25 6.19 2.73 -27.21
CA SER A 25 6.17 1.66 -28.26
C SER A 25 4.85 1.61 -29.00
N SER A 26 4.81 0.81 -30.06
CA SER A 26 3.58 0.64 -30.82
C SER A 26 2.48 -0.10 -30.03
N LYS A 27 2.87 -0.70 -28.89
CA LYS A 27 1.93 -1.36 -27.99
C LYS A 27 1.52 -0.42 -26.84
N GLY A 28 2.03 0.81 -26.87
CA GLY A 28 1.60 1.85 -25.92
C GLY A 28 2.30 1.60 -24.60
N GLN A 29 3.47 0.96 -24.66
CA GLN A 29 4.29 0.80 -23.44
C GLN A 29 5.29 1.94 -23.34
N LEU A 30 5.50 2.45 -22.11
CA LEU A 30 6.48 3.50 -21.92
C LEU A 30 7.83 2.85 -21.64
N ARG A 31 8.70 2.82 -22.65
CA ARG A 31 9.97 2.09 -22.55
C ARG A 31 11.03 3.11 -22.19
N LEU A 32 11.38 3.17 -20.90
CA LEU A 32 12.25 4.24 -20.47
C LEU A 32 13.66 4.15 -21.04
N THR A 33 14.17 2.93 -21.19
CA THR A 33 15.51 2.75 -21.72
C THR A 33 15.48 2.01 -23.05
N ASN A 34 16.57 2.08 -23.79
CA ASN A 34 16.61 1.60 -25.17
C ASN A 34 16.49 0.09 -25.32
N VAL A 35 15.71 -0.34 -26.32
CA VAL A 35 15.58 -1.76 -26.64
C VAL A 35 15.81 -1.83 -28.16
N ASN A 36 16.69 -2.72 -28.62
CA ASN A 36 17.01 -2.74 -30.05
C ASN A 36 15.94 -3.48 -30.84
N ASP A 37 16.12 -3.60 -32.15
CA ASP A 37 15.14 -4.26 -33.01
C ASP A 37 14.98 -5.75 -32.74
N ASN A 38 15.95 -6.34 -32.03
CA ASN A 38 15.87 -7.75 -31.61
C ASN A 38 15.12 -7.97 -30.31
N GLY A 39 14.65 -6.87 -29.72
CA GLY A 39 13.92 -6.92 -28.46
C GLY A 39 14.88 -6.97 -27.28
N GLU A 40 16.15 -6.63 -27.52
CA GLU A 40 17.17 -6.74 -26.45
C GLU A 40 17.57 -5.39 -25.93
N PRO A 41 17.65 -5.24 -24.59
CA PRO A 41 18.03 -3.96 -24.01
C PRO A 41 19.52 -3.69 -24.24
N THR A 42 19.89 -2.42 -24.37
CA THR A 42 21.24 -2.07 -24.70
C THR A 42 21.93 -1.35 -23.54
N LEU A 43 23.26 -1.33 -23.56
CA LEU A 43 24.08 -0.78 -22.47
C LEU A 43 24.14 0.74 -22.49
N SER A 44 24.45 1.32 -21.34
CA SER A 44 24.64 2.76 -21.20
C SER A 44 23.44 3.58 -21.66
N SER A 45 22.25 3.04 -21.43
CA SER A 45 21.00 3.73 -21.77
C SER A 45 20.49 4.56 -20.59
N LEU A 46 19.83 5.67 -20.90
CA LEU A 46 19.22 6.53 -19.88
C LEU A 46 17.98 7.13 -20.55
N GLY A 47 16.84 7.06 -19.89
CA GLY A 47 15.67 7.81 -20.37
C GLY A 47 14.83 8.30 -19.20
N ARG A 48 14.05 9.36 -19.41
CA ARG A 48 13.16 9.88 -18.39
C ARG A 48 11.87 10.28 -19.07
N ALA A 49 10.77 10.24 -18.33
CA ALA A 49 9.46 10.58 -18.90
C ALA A 49 8.62 11.24 -17.83
N PHE A 50 7.98 12.37 -18.18
CA PHE A 50 7.13 13.06 -17.22
C PHE A 50 5.77 13.39 -17.77
N TYR A 51 4.80 13.55 -16.88
CA TYR A 51 3.49 14.11 -17.30
C TYR A 51 3.64 15.54 -17.79
N SER A 52 2.93 15.93 -18.86
CA SER A 52 3.23 17.23 -19.46
C SER A 52 2.84 18.45 -18.58
N ALA A 53 1.90 18.30 -17.65
CA ALA A 53 1.51 19.45 -16.80
C ALA A 53 2.29 19.44 -15.48
N PRO A 54 2.86 20.59 -15.08
CA PRO A 54 3.46 20.66 -13.72
C PRO A 54 2.40 20.47 -12.64
N ILE A 55 2.85 19.99 -11.48
CA ILE A 55 1.97 19.67 -10.37
C ILE A 55 2.41 20.56 -9.21
N GLN A 56 1.49 21.25 -8.56
CA GLN A 56 1.84 22.04 -7.38
C GLN A 56 1.95 21.16 -6.13
N ILE A 57 3.14 21.19 -5.52
CA ILE A 57 3.49 20.35 -4.39
C ILE A 57 3.31 21.12 -3.08
N TRP A 58 3.61 22.41 -3.10
CA TRP A 58 3.36 23.25 -1.93
C TRP A 58 3.15 24.68 -2.30
N ASP A 59 2.67 25.47 -1.34
CA ASP A 59 2.33 26.88 -1.56
C ASP A 59 3.01 27.74 -0.51
N ASN A 60 3.83 28.69 -0.93
CA ASN A 60 4.63 29.52 -0.01
C ASN A 60 3.81 30.61 0.71
N THR A 61 2.62 30.92 0.20
CA THR A 61 1.69 31.84 0.88
C THR A 61 0.98 31.16 2.04
N THR A 62 0.32 30.04 1.78
CA THR A 62 -0.51 29.37 2.79
C THR A 62 0.29 28.39 3.63
N GLY A 63 1.45 27.99 3.12
CA GLY A 63 2.24 26.95 3.77
C GLY A 63 1.71 25.54 3.54
N ALA A 64 0.63 25.40 2.76
CA ALA A 64 0.04 24.07 2.55
C ALA A 64 0.99 23.22 1.72
N VAL A 65 0.96 21.92 1.99
CA VAL A 65 1.75 20.90 1.25
C VAL A 65 0.78 19.85 0.76
N ALA A 66 0.93 19.44 -0.51
CA ALA A 66 0.05 18.44 -1.09
C ALA A 66 0.22 17.06 -0.49
N SER A 67 -0.86 16.29 -0.50
CA SER A 67 -0.76 14.85 -0.33
C SER A 67 -0.87 14.27 -1.75
N PHE A 68 -0.19 13.16 -2.00
CA PHE A 68 -0.32 12.55 -3.33
C PHE A 68 -0.22 11.05 -3.24
N ALA A 69 -0.61 10.39 -4.32
CA ALA A 69 -0.41 8.96 -4.39
C ALA A 69 -0.19 8.61 -5.85
N THR A 70 0.63 7.61 -6.10
CA THR A 70 0.81 7.15 -7.47
C THR A 70 0.88 5.62 -7.51
N SER A 71 0.31 5.03 -8.54
CA SER A 71 0.47 3.59 -8.73
C SER A 71 1.00 3.36 -10.14
N PHE A 72 1.75 2.29 -10.35
CA PHE A 72 2.17 1.94 -11.70
C PHE A 72 2.58 0.49 -11.75
N THR A 73 2.43 -0.09 -12.94
CA THR A 73 2.95 -1.43 -13.22
C THR A 73 4.20 -1.30 -14.06
N PHE A 74 5.25 -2.02 -13.68
CA PHE A 74 6.48 -2.01 -14.48
C PHE A 74 6.96 -3.42 -14.74
N ASN A 75 7.73 -3.55 -15.81
CA ASN A 75 8.32 -4.83 -16.15
C ASN A 75 9.79 -4.61 -16.43
N ILE A 76 10.64 -5.20 -15.59
CA ILE A 76 12.07 -5.17 -15.82
C ILE A 76 12.45 -6.59 -16.18
N ASP A 77 13.04 -6.75 -17.34
CA ASP A 77 13.41 -8.09 -17.83
C ASP A 77 14.87 -8.07 -18.26
N VAL A 78 15.49 -9.25 -18.28
CA VAL A 78 16.93 -9.38 -18.38
C VAL A 78 17.22 -10.52 -19.36
N PRO A 79 18.17 -10.31 -20.29
CA PRO A 79 18.51 -11.41 -21.21
C PRO A 79 19.22 -12.54 -20.47
N ASN A 80 19.11 -13.76 -20.97
CA ASN A 80 19.86 -14.88 -20.41
C ASN A 80 21.37 -14.55 -20.50
N ASN A 81 22.14 -14.98 -19.50
CA ASN A 81 23.59 -14.68 -19.44
C ASN A 81 23.96 -13.24 -19.11
N SER A 82 22.96 -12.44 -18.72
CA SER A 82 23.21 -11.14 -18.07
C SER A 82 22.56 -11.13 -16.69
N GLY A 83 23.02 -10.22 -15.83
CA GLY A 83 22.26 -9.85 -14.65
C GLY A 83 21.62 -8.48 -14.93
N PRO A 84 20.73 -8.02 -14.05
CA PRO A 84 20.07 -6.73 -14.27
C PRO A 84 20.95 -5.53 -13.90
N ALA A 85 20.72 -4.40 -14.56
CA ALA A 85 21.20 -3.08 -14.11
C ALA A 85 20.50 -2.01 -14.94
N ASP A 86 20.24 -0.82 -14.41
CA ASP A 86 20.60 -0.38 -13.03
C ASP A 86 19.37 -0.15 -12.18
N GLY A 87 18.23 0.06 -12.83
CA GLY A 87 16.96 0.19 -12.12
C GLY A 87 16.13 1.33 -12.66
N LEU A 88 15.02 1.59 -11.99
CA LEU A 88 14.14 2.70 -12.35
C LEU A 88 13.62 3.41 -11.10
N ALA A 89 13.09 4.62 -11.29
CA ALA A 89 12.58 5.36 -10.15
C ALA A 89 11.42 6.24 -10.57
N PHE A 90 10.46 6.37 -9.66
CA PHE A 90 9.46 7.41 -9.71
C PHE A 90 10.03 8.68 -9.07
N VAL A 91 9.84 9.83 -9.73
CA VAL A 91 10.52 11.06 -9.30
C VAL A 91 9.63 12.29 -9.26
N LEU A 92 9.97 13.19 -8.33
CA LEU A 92 9.46 14.57 -8.35
C LEU A 92 10.66 15.49 -8.52
N LEU A 93 10.61 16.35 -9.54
CA LEU A 93 11.76 17.16 -9.97
C LEU A 93 11.34 18.57 -10.33
N PRO A 94 12.28 19.55 -10.32
CA PRO A 94 11.91 20.89 -10.78
C PRO A 94 11.42 20.90 -12.21
N VAL A 95 10.48 21.80 -12.49
CA VAL A 95 10.08 22.03 -13.88
C VAL A 95 11.34 22.38 -14.70
N GLY A 96 11.48 21.78 -15.88
CA GLY A 96 12.64 22.04 -16.74
C GLY A 96 13.85 21.15 -16.47
N SER A 97 13.74 20.27 -15.47
CA SER A 97 14.85 19.38 -15.10
C SER A 97 15.35 18.58 -16.29
N GLN A 98 16.69 18.53 -16.45
CA GLN A 98 17.35 17.76 -17.50
C GLN A 98 18.11 16.56 -16.90
N PRO A 99 18.36 15.50 -17.70
CA PRO A 99 19.01 14.30 -17.16
C PRO A 99 20.43 14.56 -16.62
N LYS A 100 20.76 13.84 -15.56
CA LYS A 100 22.10 13.88 -14.96
C LYS A 100 22.85 12.61 -15.38
N ASP A 101 23.76 12.12 -14.55
CA ASP A 101 24.59 10.99 -14.95
C ASP A 101 23.86 9.64 -15.02
N LYS A 102 24.37 8.76 -15.89
CA LYS A 102 23.73 7.48 -16.17
C LYS A 102 24.15 6.36 -15.22
N GLY A 103 23.87 5.12 -15.61
CA GLY A 103 24.24 3.96 -14.77
C GLY A 103 23.63 4.00 -13.37
N GLY A 104 24.48 3.75 -12.35
CA GLY A 104 23.99 3.66 -10.99
C GLY A 104 23.45 4.97 -10.41
N LEU A 105 23.71 6.08 -11.08
CA LEU A 105 23.18 7.36 -10.61
C LEU A 105 21.77 7.65 -11.16
N LEU A 106 21.28 6.74 -12.00
CA LEU A 106 19.85 6.72 -12.39
C LEU A 106 19.34 7.95 -13.17
N GLY A 107 20.27 8.72 -13.73
CA GLY A 107 19.89 9.94 -14.45
C GLY A 107 19.47 11.06 -13.51
N LEU A 108 19.78 10.94 -12.23
CA LEU A 108 19.30 11.88 -11.22
C LEU A 108 20.40 12.63 -10.49
N PHE A 109 21.60 12.08 -10.49
CA PHE A 109 22.71 12.69 -9.75
C PHE A 109 24.00 12.68 -10.57
N ASN A 110 24.97 13.49 -10.13
CA ASN A 110 26.25 13.61 -10.84
C ASN A 110 27.37 12.89 -10.11
N ASN A 111 27.13 12.59 -8.85
CA ASN A 111 28.03 11.80 -8.01
C ASN A 111 27.18 11.20 -6.91
N TYR A 112 27.81 10.58 -5.91
CA TYR A 112 27.05 9.95 -4.83
C TYR A 112 27.06 10.71 -3.50
N LYS A 113 27.38 12.00 -3.55
CA LYS A 113 27.29 12.84 -2.35
C LYS A 113 25.91 13.49 -2.22
N TYR A 114 25.57 13.91 -1.00
CA TYR A 114 24.37 14.68 -0.77
C TYR A 114 24.51 16.01 -1.49
N ASP A 115 23.44 16.44 -2.16
CA ASP A 115 23.42 17.72 -2.86
C ASP A 115 22.15 18.46 -2.48
N SER A 116 22.27 19.42 -1.56
CA SER A 116 21.12 20.18 -1.07
C SER A 116 20.42 21.03 -2.15
N ASN A 117 21.04 21.15 -3.32
CA ASN A 117 20.43 21.88 -4.45
C ASN A 117 19.94 20.96 -5.57
N ALA A 118 19.84 19.67 -5.27
CA ALA A 118 19.35 18.70 -6.26
C ALA A 118 17.82 18.80 -6.44
N HIS A 119 17.16 19.25 -5.38
CA HIS A 119 15.67 19.34 -5.32
C HIS A 119 15.04 18.09 -5.89
N THR A 120 15.45 16.93 -5.37
CA THR A 120 15.05 15.63 -5.93
C THR A 120 14.48 14.76 -4.83
N VAL A 121 13.26 14.28 -5.05
CA VAL A 121 12.70 13.23 -4.21
C VAL A 121 12.33 12.09 -5.17
N ALA A 122 12.75 10.87 -4.85
CA ALA A 122 12.51 9.73 -5.77
C ALA A 122 12.26 8.48 -4.98
N VAL A 123 11.53 7.52 -5.57
CA VAL A 123 11.46 6.18 -4.99
C VAL A 123 12.09 5.25 -6.02
N GLU A 124 13.20 4.61 -5.62
CA GLU A 124 14.00 3.81 -6.54
C GLU A 124 13.79 2.32 -6.39
N PHE A 125 13.86 1.62 -7.53
CA PHE A 125 13.75 0.17 -7.62
C PHE A 125 15.08 -0.23 -8.22
N ASP A 126 16.02 -0.56 -7.32
CA ASP A 126 17.48 -0.61 -7.65
C ASP A 126 17.89 -2.08 -7.78
N THR A 127 18.37 -2.44 -8.98
CA THR A 127 18.67 -3.83 -9.32
C THR A 127 20.13 -4.15 -9.34
N LEU A 128 20.98 -3.17 -9.03
CA LEU A 128 22.44 -3.33 -9.11
C LEU A 128 23.11 -2.73 -7.88
N TYR A 129 23.86 -3.59 -7.18
CA TYR A 129 24.62 -3.15 -5.99
C TYR A 129 25.81 -2.27 -6.36
N ASN A 130 25.77 -1.01 -5.93
CA ASN A 130 26.84 -0.07 -6.21
C ASN A 130 27.62 0.04 -4.91
N VAL A 131 28.84 -0.49 -4.94
CA VAL A 131 29.64 -0.69 -3.71
C VAL A 131 29.80 0.54 -2.81
N HIS A 132 29.83 1.72 -3.41
CA HIS A 132 30.13 2.94 -2.63
C HIS A 132 28.96 3.52 -1.87
N TRP A 133 27.74 3.03 -2.14
CA TRP A 133 26.55 3.55 -1.45
C TRP A 133 25.39 2.63 -1.17
N ASP A 134 25.23 1.56 -1.94
CA ASP A 134 24.05 0.68 -1.81
C ASP A 134 24.19 -0.41 -0.75
N PRO A 135 23.06 -0.86 -0.15
CA PRO A 135 23.00 -2.16 0.52
C PRO A 135 23.19 -3.25 -0.53
N LYS A 136 23.77 -4.39 -0.14
CA LYS A 136 24.06 -5.48 -1.07
C LYS A 136 22.81 -6.09 -1.76
N PRO A 137 21.74 -6.39 -1.00
CA PRO A 137 20.53 -6.92 -1.66
C PRO A 137 19.86 -5.87 -2.52
N ARG A 138 19.23 -6.30 -3.63
CA ARG A 138 18.41 -5.39 -4.42
C ARG A 138 17.32 -4.85 -3.51
N HIS A 139 16.84 -3.64 -3.81
CA HIS A 139 16.11 -2.88 -2.80
C HIS A 139 15.19 -1.84 -3.40
N ILE A 140 14.17 -1.48 -2.63
CA ILE A 140 13.39 -0.28 -2.91
C ILE A 140 13.96 0.76 -1.97
N GLY A 141 14.23 1.95 -2.47
CA GLY A 141 14.80 3.02 -1.63
C GLY A 141 14.06 4.34 -1.80
N ILE A 142 14.00 5.10 -0.70
CA ILE A 142 13.53 6.48 -0.72
C ILE A 142 14.75 7.40 -0.82
N ASP A 143 14.79 8.20 -1.89
CA ASP A 143 15.94 9.06 -2.21
C ASP A 143 15.55 10.50 -2.05
N VAL A 144 16.26 11.20 -1.15
CA VAL A 144 16.07 12.65 -0.98
C VAL A 144 17.40 13.36 -1.24
N ASN A 145 17.55 13.98 -2.40
CA ASN A 145 18.76 14.75 -2.76
C ASN A 145 20.08 13.98 -2.77
N SER A 146 19.99 12.65 -2.85
CA SER A 146 21.16 11.79 -2.90
C SER A 146 20.79 10.41 -3.44
N ILE A 147 21.75 9.81 -4.14
CA ILE A 147 21.61 8.40 -4.55
C ILE A 147 21.74 7.46 -3.34
N LYS A 148 22.31 7.96 -2.22
CA LYS A 148 22.36 7.16 -1.00
C LYS A 148 21.03 7.28 -0.29
N SER A 149 20.19 6.25 -0.41
CA SER A 149 18.78 6.33 0.05
C SER A 149 18.71 6.63 1.52
N ILE A 150 17.74 7.45 1.94
CA ILE A 150 17.52 7.65 3.39
C ILE A 150 16.98 6.41 4.08
N LYS A 151 16.33 5.55 3.29
CA LYS A 151 15.80 4.34 3.85
C LYS A 151 15.57 3.33 2.72
N THR A 152 15.84 2.07 3.01
CA THR A 152 15.61 0.99 2.03
C THR A 152 14.92 -0.21 2.66
N THR A 153 14.31 -1.04 1.81
CA THR A 153 13.87 -2.37 2.18
C THR A 153 14.34 -3.35 1.12
N THR A 154 14.62 -4.59 1.54
CA THR A 154 15.03 -5.63 0.58
C THR A 154 13.90 -5.89 -0.43
N TRP A 155 14.29 -6.00 -1.70
CA TRP A 155 13.35 -6.32 -2.78
C TRP A 155 13.80 -7.60 -3.45
N ASP A 156 12.97 -8.63 -3.37
CA ASP A 156 13.29 -9.92 -4.01
C ASP A 156 12.93 -9.82 -5.48
N PHE A 157 13.80 -9.15 -6.23
CA PHE A 157 13.59 -8.91 -7.67
C PHE A 157 13.50 -10.22 -8.46
N VAL A 158 12.53 -10.29 -9.37
CA VAL A 158 12.42 -11.44 -10.29
C VAL A 158 12.22 -10.87 -11.69
N LYS A 159 13.10 -11.26 -12.63
CA LYS A 159 13.06 -10.69 -13.98
C LYS A 159 11.78 -11.09 -14.70
N GLY A 160 11.27 -10.13 -15.47
CA GLY A 160 10.15 -10.36 -16.41
C GLY A 160 8.78 -10.52 -15.77
N GLU A 161 8.68 -10.41 -14.45
CA GLU A 161 7.40 -10.47 -13.78
C GLU A 161 6.85 -9.06 -13.57
N ASN A 162 5.60 -8.81 -13.94
CA ASN A 162 5.00 -7.48 -13.69
C ASN A 162 4.98 -7.14 -12.20
N ALA A 163 5.44 -5.94 -11.88
CA ALA A 163 5.46 -5.43 -10.50
C ALA A 163 4.47 -4.29 -10.40
N GLU A 164 3.62 -4.31 -9.38
CA GLU A 164 2.65 -3.24 -9.15
C GLU A 164 3.08 -2.43 -7.93
N VAL A 165 3.34 -1.14 -8.16
CA VAL A 165 3.83 -0.23 -7.09
C VAL A 165 2.72 0.71 -6.66
N LEU A 166 2.71 1.05 -5.37
CA LEU A 166 1.88 2.12 -4.85
C LEU A 166 2.77 2.98 -3.96
N ILE A 167 2.79 4.29 -4.23
CA ILE A 167 3.56 5.23 -3.42
C ILE A 167 2.57 6.26 -2.91
N THR A 168 2.63 6.58 -1.63
CA THR A 168 1.67 7.56 -1.08
C THR A 168 2.46 8.56 -0.25
N TYR A 169 1.96 9.79 -0.21
CA TYR A 169 2.56 10.81 0.63
C TYR A 169 1.44 11.52 1.36
N ASP A 170 1.52 11.56 2.69
CA ASP A 170 0.51 12.20 3.51
C ASP A 170 1.17 13.45 4.11
N SER A 171 0.76 14.63 3.67
CA SER A 171 1.46 15.83 4.09
C SER A 171 1.20 16.17 5.57
N SER A 172 0.14 15.62 6.16
CA SER A 172 -0.11 15.88 7.59
C SER A 172 0.92 15.18 8.49
N THR A 173 1.36 13.99 8.09
CA THR A 173 2.35 13.20 8.86
C THR A 173 3.74 13.26 8.22
N LYS A 174 3.80 13.80 7.00
CA LYS A 174 5.01 13.83 6.15
C LYS A 174 5.53 12.44 5.77
N LEU A 175 4.71 11.42 5.98
CA LEU A 175 5.14 10.05 5.66
C LEU A 175 5.02 9.72 4.16
N LEU A 176 6.14 9.26 3.61
CA LEU A 176 6.17 8.70 2.25
C LEU A 176 6.25 7.19 2.40
N VAL A 177 5.34 6.49 1.73
CA VAL A 177 5.31 5.04 1.85
C VAL A 177 5.38 4.47 0.44
N ALA A 178 6.26 3.49 0.23
CA ALA A 178 6.36 2.82 -1.08
C ALA A 178 6.19 1.32 -0.89
N SER A 179 5.38 0.70 -1.75
CA SER A 179 5.19 -0.72 -1.71
C SER A 179 5.19 -1.30 -3.12
N LEU A 180 5.62 -2.56 -3.21
CA LEU A 180 5.65 -3.28 -4.48
C LEU A 180 5.06 -4.64 -4.25
N VAL A 181 4.23 -5.09 -5.17
CA VAL A 181 3.73 -6.45 -5.14
C VAL A 181 3.98 -7.11 -6.49
N TYR A 182 4.31 -8.39 -6.47
CA TYR A 182 4.33 -9.20 -7.67
C TYR A 182 3.08 -10.08 -7.63
N PRO A 183 2.01 -9.74 -8.39
CA PRO A 183 0.78 -10.51 -8.22
C PRO A 183 0.95 -12.00 -8.55
N SER A 184 1.75 -12.30 -9.56
CA SER A 184 1.94 -13.70 -10.00
C SER A 184 2.77 -14.53 -9.01
N LEU A 185 3.57 -13.86 -8.20
CA LEU A 185 4.38 -14.54 -7.18
C LEU A 185 3.80 -14.44 -5.77
N LYS A 186 2.83 -13.54 -5.61
CA LYS A 186 2.13 -13.29 -4.33
C LYS A 186 3.07 -12.68 -3.27
N THR A 187 4.14 -12.03 -3.72
CA THR A 187 5.12 -11.44 -2.80
C THR A 187 4.93 -9.92 -2.70
N SER A 188 5.36 -9.34 -1.59
CA SER A 188 5.08 -7.93 -1.33
C SER A 188 6.15 -7.34 -0.44
N PHE A 189 6.45 -6.06 -0.65
CA PHE A 189 7.57 -5.35 -0.01
C PHE A 189 7.09 -3.93 0.31
N ILE A 190 7.60 -3.35 1.39
CA ILE A 190 7.17 -2.00 1.79
C ILE A 190 8.27 -1.26 2.53
N VAL A 191 8.37 0.04 2.29
CA VAL A 191 9.32 0.93 2.97
C VAL A 191 8.65 2.26 3.28
N SER A 192 9.02 2.89 4.39
CA SER A 192 8.37 4.13 4.77
C SER A 192 9.34 5.01 5.53
N ASP A 193 9.27 6.31 5.24
CA ASP A 193 10.08 7.31 5.99
C ASP A 193 9.41 8.67 5.83
N THR A 194 9.75 9.60 6.72
CA THR A 194 9.25 10.97 6.55
C THR A 194 10.15 11.78 5.63
N VAL A 195 9.52 12.66 4.83
CA VAL A 195 10.22 13.57 3.91
C VAL A 195 9.54 14.94 4.01
N ASP A 196 10.34 15.98 4.18
CA ASP A 196 9.85 17.35 4.24
C ASP A 196 9.91 17.94 2.85
N LEU A 197 8.81 17.81 2.10
CA LEU A 197 8.79 18.27 0.73
C LEU A 197 9.08 19.76 0.61
N LYS A 198 8.53 20.54 1.53
CA LYS A 198 8.66 21.99 1.50
C LYS A 198 10.12 22.44 1.59
N SER A 199 10.95 21.69 2.30
CA SER A 199 12.38 22.02 2.39
C SER A 199 13.24 21.49 1.24
N VAL A 200 12.71 20.58 0.41
CA VAL A 200 13.50 19.95 -0.63
C VAL A 200 13.12 20.41 -2.02
N LEU A 201 11.81 20.47 -2.25
CA LEU A 201 11.28 20.67 -3.61
C LEU A 201 10.84 22.11 -3.85
N PRO A 202 10.89 22.57 -5.11
CA PRO A 202 10.20 23.83 -5.48
C PRO A 202 8.67 23.68 -5.30
N GLU A 203 7.94 24.80 -5.36
CA GLU A 203 6.51 24.77 -5.16
C GLU A 203 5.82 23.95 -6.24
N TRP A 204 6.36 24.05 -7.44
CA TRP A 204 5.86 23.25 -8.58
C TRP A 204 6.88 22.27 -9.05
N VAL A 205 6.41 21.08 -9.40
CA VAL A 205 7.30 20.01 -9.88
C VAL A 205 6.74 19.31 -11.11
N ILE A 206 7.60 18.53 -11.75
CA ILE A 206 7.14 17.54 -12.76
C ILE A 206 7.21 16.18 -12.09
N VAL A 207 6.28 15.30 -12.46
CA VAL A 207 6.26 13.95 -11.89
C VAL A 207 6.45 12.95 -13.03
N GLY A 208 7.13 11.85 -12.72
CA GLY A 208 7.34 10.82 -13.76
C GLY A 208 8.43 9.85 -13.35
N PHE A 209 9.19 9.42 -14.34
CA PHE A 209 10.12 8.29 -14.16
C PHE A 209 11.48 8.57 -14.74
N THR A 210 12.48 7.85 -14.21
CA THR A 210 13.81 7.82 -14.80
C THR A 210 14.29 6.38 -14.72
N ALA A 211 15.16 5.99 -15.67
CA ALA A 211 15.73 4.62 -15.67
C ALA A 211 17.05 4.61 -16.43
N THR A 212 17.90 3.66 -16.07
CA THR A 212 19.17 3.49 -16.76
C THR A 212 19.46 2.00 -16.88
N THR A 213 20.31 1.67 -17.84
CA THR A 213 20.84 0.32 -17.94
C THR A 213 22.34 0.34 -17.57
N GLY A 214 22.89 -0.85 -17.34
CA GLY A 214 24.28 -0.96 -16.90
C GLY A 214 25.25 -0.46 -17.96
N ILE A 215 26.40 0.02 -17.52
CA ILE A 215 27.39 0.50 -18.47
C ILE A 215 28.38 -0.60 -18.89
N THR A 216 28.37 -1.71 -18.16
CA THR A 216 29.31 -2.81 -18.36
C THR A 216 28.58 -4.04 -18.90
N LYS A 217 29.09 -4.63 -19.98
CA LYS A 217 28.51 -5.87 -20.53
C LYS A 217 28.17 -6.89 -19.43
N GLY A 218 27.00 -7.52 -19.56
CA GLY A 218 26.50 -8.46 -18.54
C GLY A 218 25.62 -7.86 -17.45
N ASN A 219 25.35 -6.54 -17.55
CA ASN A 219 24.49 -5.83 -16.59
C ASN A 219 23.53 -4.94 -17.36
N VAL A 220 22.33 -5.44 -17.63
CA VAL A 220 21.41 -4.75 -18.53
C VAL A 220 19.99 -5.21 -18.27
N GLU A 221 19.02 -4.36 -18.61
CA GLU A 221 17.62 -4.72 -18.38
C GLU A 221 16.72 -3.82 -19.23
N THR A 222 15.52 -4.30 -19.53
CA THR A 222 14.45 -3.39 -19.94
C THR A 222 13.90 -2.63 -18.73
N ASN A 223 13.29 -1.47 -18.97
CA ASN A 223 12.68 -0.69 -17.91
C ASN A 223 11.36 -0.12 -18.44
N ASP A 224 10.34 -0.97 -18.46
CA ASP A 224 9.08 -0.66 -19.14
C ASP A 224 8.00 -0.34 -18.12
N ILE A 225 7.38 0.82 -18.28
CA ILE A 225 6.19 1.17 -17.51
C ILE A 225 4.95 0.81 -18.31
N LEU A 226 4.03 0.05 -17.72
CA LEU A 226 2.90 -0.47 -18.49
C LEU A 226 1.58 0.24 -18.16
N SER A 227 1.51 0.88 -17.02
CA SER A 227 0.34 1.64 -16.61
C SER A 227 0.76 2.60 -15.50
N TRP A 228 0.01 3.68 -15.35
CA TRP A 228 0.39 4.73 -14.38
C TRP A 228 -0.85 5.50 -13.99
N SER A 229 -1.04 5.67 -12.69
CA SER A 229 -2.14 6.50 -12.15
C SER A 229 -1.50 7.42 -11.14
N PHE A 230 -1.91 8.68 -11.14
CA PHE A 230 -1.37 9.69 -10.20
C PHE A 230 -2.53 10.53 -9.68
N ALA A 231 -2.47 10.93 -8.41
CA ALA A 231 -3.46 11.86 -7.92
C ALA A 231 -2.78 12.71 -6.86
N SER A 232 -3.11 14.00 -6.86
CA SER A 232 -2.62 14.92 -5.81
C SER A 232 -3.71 15.90 -5.36
N LYS A 233 -3.59 16.41 -4.13
CA LYS A 233 -4.57 17.35 -3.61
C LYS A 233 -3.80 18.32 -2.75
N LEU A 234 -4.05 19.60 -2.95
CA LEU A 234 -3.38 20.68 -2.18
C LEU A 234 -4.45 21.61 -1.64
N SER A 235 -4.45 21.83 -0.33
CA SER A 235 -5.51 22.69 0.24
C SER A 235 -5.26 24.16 -0.10
N ASP A 236 -6.34 24.93 -0.32
CA ASP A 236 -6.21 26.38 -0.61
C ASP A 236 -6.86 27.28 0.45
N GLY A 237 -7.63 26.68 1.35
CA GLY A 237 -8.30 27.42 2.43
C GLY A 237 -9.73 27.75 2.06
N THR A 238 -10.10 27.34 0.84
CA THR A 238 -11.46 27.41 0.24
C THR A 238 -11.58 28.56 -0.76
N ALA B 1 -20.96 -1.72 -13.73
CA ALA B 1 -22.37 -2.13 -13.45
C ALA B 1 -22.75 -1.94 -11.97
N SER B 2 -21.74 -1.80 -11.11
CA SER B 2 -21.94 -1.52 -9.68
C SER B 2 -20.72 -0.91 -9.03
N GLN B 3 -20.91 0.23 -8.36
CA GLN B 3 -19.86 0.86 -7.56
C GLN B 3 -20.42 1.33 -6.23
N THR B 4 -19.63 1.20 -5.17
CA THR B 4 -20.01 1.68 -3.86
C THR B 4 -18.78 2.23 -3.18
N SER B 5 -18.92 3.39 -2.54
CA SER B 5 -17.87 3.91 -1.69
C SER B 5 -18.45 4.74 -0.56
N PHE B 6 -17.75 4.73 0.55
CA PHE B 6 -18.03 5.62 1.66
C PHE B 6 -16.74 5.91 2.38
N SER B 7 -16.75 7.02 3.11
CA SER B 7 -15.62 7.40 3.92
C SER B 7 -16.10 8.19 5.11
N PHE B 8 -15.67 7.76 6.30
CA PHE B 8 -16.06 8.42 7.55
C PHE B 8 -14.83 8.81 8.36
N GLN B 9 -14.79 10.08 8.76
CA GLN B 9 -13.77 10.57 9.69
C GLN B 9 -14.32 10.59 11.11
N ARG B 10 -15.65 10.51 11.21
CA ARG B 10 -16.37 10.43 12.48
C ARG B 10 -17.54 9.47 12.29
N PHE B 11 -17.83 8.66 13.31
CA PHE B 11 -18.86 7.65 13.18
C PHE B 11 -20.18 8.01 13.85
N ASN B 12 -21.25 7.42 13.32
CA ASN B 12 -22.58 7.49 13.93
C ASN B 12 -23.30 6.16 13.78
N GLU B 13 -24.15 5.84 14.76
CA GLU B 13 -24.85 4.56 14.83
C GLU B 13 -25.84 4.34 13.70
N THR B 14 -26.37 5.44 13.15
CA THR B 14 -27.52 5.35 12.25
C THR B 14 -27.29 4.51 10.99
N ASN B 15 -26.06 4.54 10.46
CA ASN B 15 -25.74 3.76 9.24
C ASN B 15 -24.82 2.58 9.51
N LEU B 16 -24.75 2.18 10.78
CA LEU B 16 -23.96 1.02 11.17
C LEU B 16 -24.84 -0.06 11.80
N ILE B 17 -24.45 -1.31 11.64
CA ILE B 17 -25.03 -2.41 12.39
C ILE B 17 -24.04 -2.76 13.48
N LEU B 18 -24.39 -2.43 14.73
CA LEU B 18 -23.52 -2.68 15.86
C LEU B 18 -23.96 -3.95 16.59
N GLN B 19 -23.00 -4.79 16.95
CA GLN B 19 -23.26 -6.05 17.62
C GLN B 19 -22.46 -6.17 18.92
N ARG B 20 -23.06 -6.83 19.92
CA ARG B 20 -22.42 -7.06 21.22
C ARG B 20 -21.89 -5.75 21.84
N ASP B 21 -20.61 -5.69 22.21
CA ASP B 21 -20.08 -4.54 22.98
C ASP B 21 -19.71 -3.29 22.18
N ALA B 22 -19.91 -3.32 20.86
CA ALA B 22 -19.47 -2.22 20.01
C ALA B 22 -20.35 -0.98 20.17
N THR B 23 -19.71 0.15 20.49
CA THR B 23 -20.39 1.43 20.66
C THR B 23 -19.78 2.52 19.77
N VAL B 24 -20.55 3.57 19.50
CA VAL B 24 -20.00 4.79 18.95
C VAL B 24 -19.91 5.80 20.09
N SER B 25 -18.70 6.27 20.38
CA SER B 25 -18.49 7.22 21.47
C SER B 25 -19.12 8.58 21.12
N SER B 26 -19.20 9.47 22.11
CA SER B 26 -19.77 10.80 21.86
C SER B 26 -18.79 11.70 21.11
N LYS B 27 -17.53 11.26 21.00
CA LYS B 27 -16.52 11.99 20.22
C LYS B 27 -16.38 11.43 18.80
N GLY B 28 -17.22 10.47 18.46
CA GLY B 28 -17.33 9.95 17.10
C GLY B 28 -16.44 8.78 16.77
N GLN B 29 -15.84 8.18 17.80
CA GLN B 29 -15.00 6.99 17.63
C GLN B 29 -15.81 5.69 17.73
N LEU B 30 -15.44 4.73 16.89
CA LEU B 30 -16.02 3.40 16.93
C LEU B 30 -15.20 2.52 17.88
N ARG B 31 -15.66 2.42 19.12
CA ARG B 31 -15.00 1.61 20.14
C ARG B 31 -15.58 0.19 20.08
N LEU B 32 -14.82 -0.72 19.47
CA LEU B 32 -15.34 -2.05 19.18
C LEU B 32 -15.50 -2.91 20.44
N THR B 33 -14.60 -2.73 21.41
CA THR B 33 -14.68 -3.45 22.68
C THR B 33 -14.92 -2.49 23.84
N ASN B 34 -15.34 -3.03 24.98
CA ASN B 34 -15.81 -2.19 26.07
C ASN B 34 -14.71 -1.45 26.83
N VAL B 35 -15.02 -0.20 27.17
CA VAL B 35 -14.22 0.62 28.09
C VAL B 35 -15.16 1.07 29.20
N ASN B 36 -14.75 0.86 30.46
CA ASN B 36 -15.62 1.13 31.62
C ASN B 36 -16.06 2.60 31.79
N GLU B 40 -10.55 2.80 30.88
CA GLU B 40 -9.92 1.50 31.08
C GLU B 40 -10.68 0.39 30.36
N PRO B 41 -10.00 -0.36 29.47
CA PRO B 41 -10.66 -1.47 28.81
C PRO B 41 -10.88 -2.64 29.77
N THR B 42 -11.90 -3.44 29.51
CA THR B 42 -12.24 -4.58 30.37
C THR B 42 -12.04 -5.92 29.65
N LEU B 43 -12.11 -7.02 30.42
CA LEU B 43 -11.81 -8.36 29.91
C LEU B 43 -13.05 -9.03 29.30
N SER B 44 -12.82 -10.10 28.54
CA SER B 44 -13.87 -10.90 27.91
C SER B 44 -14.84 -10.13 27.00
N SER B 45 -14.40 -9.01 26.46
CA SER B 45 -15.24 -8.21 25.54
C SER B 45 -15.16 -8.69 24.09
N LEU B 46 -16.32 -8.63 23.42
CA LEU B 46 -16.44 -8.88 21.99
C LEU B 46 -17.34 -7.80 21.39
N GLY B 47 -16.93 -7.22 20.27
CA GLY B 47 -17.74 -6.24 19.56
C GLY B 47 -17.52 -6.31 18.08
N ARG B 48 -18.60 -6.15 17.31
CA ARG B 48 -18.54 -6.10 15.86
C ARG B 48 -19.29 -4.87 15.35
N ALA B 49 -18.89 -4.35 14.19
CA ALA B 49 -19.56 -3.21 13.56
C ALA B 49 -19.51 -3.32 12.05
N PHE B 50 -20.65 -3.10 11.40
CA PHE B 50 -20.76 -3.23 9.95
C PHE B 50 -21.44 -2.02 9.31
N TYR B 51 -21.10 -1.77 8.04
CA TYR B 51 -21.87 -0.82 7.24
C TYR B 51 -23.27 -1.39 7.02
N SER B 52 -24.30 -0.54 7.09
CA SER B 52 -25.68 -1.04 7.07
C SER B 52 -26.21 -1.56 5.72
N ALA B 53 -25.54 -1.23 4.61
CA ALA B 53 -25.95 -1.73 3.30
C ALA B 53 -25.09 -2.93 2.85
N PRO B 54 -25.75 -3.99 2.34
CA PRO B 54 -25.00 -5.14 1.82
C PRO B 54 -24.19 -4.76 0.58
N ILE B 55 -23.01 -5.36 0.45
CA ILE B 55 -22.12 -5.13 -0.69
C ILE B 55 -22.06 -6.39 -1.53
N GLN B 56 -22.28 -6.23 -2.83
CA GLN B 56 -22.19 -7.35 -3.74
C GLN B 56 -20.73 -7.58 -4.13
N ILE B 57 -20.20 -8.76 -3.79
CA ILE B 57 -18.80 -9.07 -4.12
C ILE B 57 -18.61 -9.97 -5.33
N TRP B 58 -19.63 -10.77 -5.65
CA TRP B 58 -19.65 -11.47 -6.94
C TRP B 58 -21.04 -11.78 -7.41
N ASP B 59 -21.15 -12.24 -8.65
CA ASP B 59 -22.43 -12.47 -9.30
C ASP B 59 -22.39 -13.78 -10.10
N ASN B 60 -23.28 -14.70 -9.76
CA ASN B 60 -23.28 -16.03 -10.37
C ASN B 60 -23.78 -16.09 -11.81
N THR B 61 -24.52 -15.07 -12.24
CA THR B 61 -25.04 -15.02 -13.62
C THR B 61 -23.95 -14.60 -14.61
N THR B 62 -23.07 -13.69 -14.18
CA THR B 62 -22.03 -13.16 -15.06
C THR B 62 -20.66 -13.80 -14.78
N GLY B 63 -20.46 -14.27 -13.55
CA GLY B 63 -19.17 -14.80 -13.12
C GLY B 63 -18.25 -13.73 -12.53
N ALA B 64 -18.58 -12.46 -12.75
CA ALA B 64 -17.79 -11.32 -12.30
C ALA B 64 -17.58 -11.31 -10.79
N VAL B 65 -16.37 -10.91 -10.38
CA VAL B 65 -16.01 -10.79 -8.97
C VAL B 65 -15.57 -9.35 -8.75
N ALA B 66 -15.92 -8.78 -7.60
CA ALA B 66 -15.61 -7.39 -7.29
C ALA B 66 -14.14 -7.20 -6.98
N SER B 67 -13.62 -6.03 -7.32
CA SER B 67 -12.40 -5.53 -6.71
C SER B 67 -12.82 -4.53 -5.64
N PHE B 68 -12.08 -4.48 -4.54
CA PHE B 68 -12.38 -3.55 -3.48
C PHE B 68 -11.12 -3.07 -2.77
N ALA B 69 -11.28 -1.99 -2.01
CA ALA B 69 -10.22 -1.51 -1.15
C ALA B 69 -10.84 -0.90 0.07
N THR B 70 -10.13 -0.99 1.19
CA THR B 70 -10.55 -0.31 2.40
C THR B 70 -9.33 0.23 3.14
N SER B 71 -9.49 1.43 3.71
CA SER B 71 -8.49 2.00 4.58
C SER B 71 -9.14 2.35 5.90
N PHE B 72 -8.36 2.27 6.96
CA PHE B 72 -8.83 2.68 8.27
C PHE B 72 -7.68 3.00 9.20
N THR B 73 -7.94 3.90 10.14
CA THR B 73 -7.02 4.21 11.21
C THR B 73 -7.57 3.58 12.49
N PHE B 74 -6.70 2.89 13.22
CA PHE B 74 -7.11 2.30 14.50
C PHE B 74 -6.12 2.63 15.62
N ASN B 75 -6.62 2.61 16.85
CA ASN B 75 -5.75 2.78 18.00
C ASN B 75 -6.04 1.66 18.99
N ILE B 76 -5.02 0.83 19.23
CA ILE B 76 -5.07 -0.19 20.27
C ILE B 76 -4.15 0.28 21.38
N ASP B 77 -4.72 0.47 22.57
CA ASP B 77 -3.97 0.91 23.72
C ASP B 77 -4.07 -0.11 24.84
N VAL B 78 -3.10 -0.09 25.74
CA VAL B 78 -2.99 -1.10 26.80
C VAL B 78 -2.71 -0.43 28.15
N PRO B 79 -3.45 -0.81 29.20
CA PRO B 79 -3.17 -0.32 30.56
C PRO B 79 -1.80 -0.78 31.06
N ASN B 80 -1.19 0.01 31.92
CA ASN B 80 0.07 -0.37 32.56
C ASN B 80 -0.08 -1.65 33.39
N ASN B 81 1.01 -2.41 33.48
CA ASN B 81 1.02 -3.75 34.10
C ASN B 81 0.10 -4.76 33.41
N SER B 82 -0.21 -4.50 32.15
CA SER B 82 -0.94 -5.44 31.31
C SER B 82 -0.25 -5.56 29.95
N GLY B 83 -0.54 -6.65 29.26
CA GLY B 83 -0.16 -6.82 27.86
C GLY B 83 -1.40 -6.84 26.98
N PRO B 84 -1.22 -6.71 25.66
CA PRO B 84 -2.36 -6.68 24.76
C PRO B 84 -3.00 -8.04 24.51
N ALA B 85 -4.31 -8.02 24.21
CA ALA B 85 -5.09 -9.15 23.69
C ALA B 85 -6.51 -8.66 23.39
N ASP B 86 -7.20 -9.25 22.41
CA ASP B 86 -6.68 -10.28 21.52
C ASP B 86 -6.39 -9.76 20.10
N GLY B 87 -6.92 -8.58 19.80
CA GLY B 87 -6.74 -7.94 18.49
C GLY B 87 -8.04 -7.56 17.82
N LEU B 88 -7.94 -7.09 16.58
CA LEU B 88 -9.11 -6.73 15.79
C LEU B 88 -8.93 -7.14 14.34
N ALA B 89 -10.03 -7.23 13.61
CA ALA B 89 -9.98 -7.65 12.21
C ALA B 89 -10.97 -6.88 11.35
N PHE B 90 -10.57 -6.65 10.11
CA PHE B 90 -11.51 -6.23 9.08
C PHE B 90 -12.07 -7.48 8.42
N VAL B 91 -13.39 -7.51 8.23
CA VAL B 91 -14.06 -8.73 7.78
C VAL B 91 -15.04 -8.54 6.64
N LEU B 92 -15.20 -9.60 5.85
CA LEU B 92 -16.31 -9.75 4.92
C LEU B 92 -17.14 -11.00 5.34
N LEU B 93 -18.42 -10.79 5.67
CA LEU B 93 -19.27 -11.87 6.23
C LEU B 93 -20.64 -11.96 5.53
N PRO B 94 -21.31 -13.13 5.62
CA PRO B 94 -22.68 -13.23 5.07
C PRO B 94 -23.63 -12.22 5.73
N VAL B 95 -24.61 -11.75 4.96
CA VAL B 95 -25.65 -10.85 5.48
C VAL B 95 -26.37 -11.54 6.66
N GLY B 96 -26.45 -10.84 7.79
CA GLY B 96 -27.12 -11.37 8.98
C GLY B 96 -26.24 -12.09 10.00
N SER B 97 -24.95 -12.19 9.70
CA SER B 97 -24.00 -12.94 10.54
C SER B 97 -24.00 -12.47 11.99
N GLN B 98 -23.94 -13.45 12.90
CA GLN B 98 -23.94 -13.22 14.34
C GLN B 98 -22.58 -13.57 14.96
N PRO B 99 -22.22 -12.90 16.07
CA PRO B 99 -20.91 -13.13 16.70
C PRO B 99 -20.72 -14.57 17.16
N LYS B 100 -19.56 -15.15 16.86
CA LYS B 100 -19.21 -16.46 17.35
C LYS B 100 -18.34 -16.28 18.58
N ASP B 101 -17.38 -17.17 18.81
CA ASP B 101 -16.67 -17.19 20.10
C ASP B 101 -15.67 -16.07 20.35
N LYS B 102 -15.58 -15.71 21.63
CA LYS B 102 -14.78 -14.61 22.16
C LYS B 102 -13.26 -14.81 22.01
N GLY B 103 -12.50 -13.93 22.66
CA GLY B 103 -11.06 -14.09 22.81
C GLY B 103 -10.26 -14.23 21.52
N GLY B 104 -9.38 -15.22 21.49
CA GLY B 104 -8.48 -15.46 20.36
C GLY B 104 -9.19 -15.85 19.08
N LEU B 105 -10.48 -16.14 19.17
CA LEU B 105 -11.22 -16.52 17.99
C LEU B 105 -11.87 -15.28 17.35
N LEU B 106 -11.60 -14.13 17.96
CA LEU B 106 -11.93 -12.79 17.44
C LEU B 106 -13.42 -12.57 17.14
N GLY B 107 -14.28 -13.46 17.62
CA GLY B 107 -15.71 -13.37 17.36
C GLY B 107 -16.13 -13.92 16.02
N LEU B 108 -15.26 -14.73 15.40
CA LEU B 108 -15.48 -15.23 14.03
C LEU B 108 -15.57 -16.74 13.89
N PHE B 109 -15.08 -17.47 14.89
CA PHE B 109 -15.04 -18.94 14.82
C PHE B 109 -15.40 -19.59 16.15
N ASN B 110 -15.81 -20.86 16.07
CA ASN B 110 -16.11 -21.66 17.26
C ASN B 110 -14.89 -22.39 17.80
N ASN B 111 -13.99 -22.76 16.89
CA ASN B 111 -12.77 -23.49 17.20
C ASN B 111 -11.65 -23.04 16.26
N TYR B 112 -10.48 -23.67 16.37
CA TYR B 112 -9.34 -23.30 15.53
C TYR B 112 -9.09 -24.20 14.32
N LYS B 113 -10.08 -25.01 13.96
CA LYS B 113 -10.01 -25.86 12.78
C LYS B 113 -10.66 -25.13 11.59
N TYR B 114 -10.32 -25.56 10.38
CA TYR B 114 -10.91 -25.03 9.16
C TYR B 114 -12.38 -25.36 9.07
N ASP B 115 -13.17 -24.35 8.69
CA ASP B 115 -14.62 -24.50 8.55
C ASP B 115 -15.08 -23.98 7.19
N SER B 116 -15.33 -24.88 6.24
CA SER B 116 -15.74 -24.47 4.89
C SER B 116 -17.19 -23.94 4.82
N ASN B 117 -17.78 -23.66 5.98
CA ASN B 117 -19.13 -23.07 6.09
C ASN B 117 -19.13 -21.76 6.88
N ALA B 118 -17.94 -21.31 7.28
CA ALA B 118 -17.78 -20.05 8.00
C ALA B 118 -18.02 -18.85 7.08
N HIS B 119 -17.86 -19.07 5.78
CA HIS B 119 -17.99 -18.02 4.76
C HIS B 119 -17.33 -16.73 5.20
N THR B 120 -16.10 -16.85 5.70
CA THR B 120 -15.38 -15.74 6.31
C THR B 120 -14.07 -15.41 5.57
N VAL B 121 -13.93 -14.14 5.18
CA VAL B 121 -12.65 -13.59 4.73
C VAL B 121 -12.34 -12.41 5.64
N ALA B 122 -11.18 -12.46 6.29
CA ALA B 122 -10.79 -11.43 7.24
C ALA B 122 -9.31 -11.09 7.17
N VAL B 123 -8.98 -9.85 7.51
CA VAL B 123 -7.59 -9.46 7.74
C VAL B 123 -7.45 -9.12 9.21
N GLU B 124 -6.66 -9.93 9.92
CA GLU B 124 -6.50 -9.82 11.37
C GLU B 124 -5.27 -9.04 11.80
N PHE B 125 -5.42 -8.31 12.88
CA PHE B 125 -4.32 -7.66 13.53
C PHE B 125 -4.21 -8.26 14.92
N ASP B 126 -3.42 -9.33 15.00
CA ASP B 126 -3.42 -10.25 16.13
C ASP B 126 -2.37 -9.84 17.15
N THR B 127 -2.82 -9.51 18.35
CA THR B 127 -1.93 -8.99 19.39
C THR B 127 -1.51 -10.05 20.45
N LEU B 128 -1.98 -11.28 20.28
CA LEU B 128 -1.75 -12.32 21.27
C LEU B 128 -1.50 -13.69 20.66
N TYR B 129 -0.33 -14.23 21.03
CA TYR B 129 0.10 -15.54 20.60
C TYR B 129 -0.80 -16.63 21.19
N ASN B 130 -1.59 -17.26 20.32
CA ASN B 130 -2.35 -18.43 20.71
C ASN B 130 -1.59 -19.69 20.31
N VAL B 131 -1.04 -20.35 21.32
CA VAL B 131 -0.14 -21.52 21.16
C VAL B 131 -0.59 -22.53 20.09
N HIS B 132 -1.89 -22.75 19.95
CA HIS B 132 -2.40 -23.82 19.08
C HIS B 132 -2.52 -23.54 17.60
N TRP B 133 -2.35 -22.28 17.18
CA TRP B 133 -2.49 -21.92 15.76
C TRP B 133 -1.67 -20.74 15.23
N ASP B 134 -1.28 -19.82 16.10
CA ASP B 134 -0.60 -18.57 15.69
C ASP B 134 0.92 -18.76 15.54
N PRO B 135 1.58 -17.90 14.72
CA PRO B 135 3.01 -17.69 14.84
C PRO B 135 3.30 -16.94 16.14
N LYS B 136 4.52 -17.08 16.66
CA LYS B 136 4.88 -16.49 17.95
C LYS B 136 4.88 -14.95 18.02
N PRO B 137 5.44 -14.27 17.00
CA PRO B 137 5.37 -12.81 17.04
C PRO B 137 3.97 -12.30 16.71
N ARG B 138 3.62 -11.13 17.24
CA ARG B 138 2.39 -10.46 16.86
C ARG B 138 2.40 -10.22 15.33
N HIS B 139 1.23 -10.23 14.72
CA HIS B 139 1.14 -10.42 13.27
C HIS B 139 -0.06 -9.81 12.61
N ILE B 140 0.10 -9.49 11.32
CA ILE B 140 -1.03 -9.27 10.44
C ILE B 140 -1.27 -10.59 9.71
N GLY B 141 -2.53 -11.02 9.64
CA GLY B 141 -2.87 -12.27 8.97
C GLY B 141 -4.05 -12.16 8.03
N ILE B 142 -4.02 -12.99 6.99
CA ILE B 142 -5.15 -13.16 6.08
C ILE B 142 -5.86 -14.45 6.48
N ASP B 143 -7.12 -14.30 6.91
CA ASP B 143 -7.94 -15.44 7.38
C ASP B 143 -9.03 -15.80 6.36
N VAL B 144 -9.05 -17.07 5.96
CA VAL B 144 -10.05 -17.57 5.06
C VAL B 144 -10.66 -18.82 5.72
N ASN B 145 -11.89 -18.67 6.21
CA ASN B 145 -12.63 -19.79 6.83
C ASN B 145 -11.91 -20.49 8.01
N SER B 146 -10.91 -19.83 8.60
CA SER B 146 -10.17 -20.36 9.75
C SER B 146 -9.43 -19.26 10.48
N ILE B 147 -9.30 -19.42 11.80
CA ILE B 147 -8.47 -18.53 12.62
C ILE B 147 -6.98 -18.79 12.38
N LYS B 148 -6.66 -19.90 11.71
CA LYS B 148 -5.28 -20.18 11.35
C LYS B 148 -5.01 -19.52 10.01
N SER B 149 -4.39 -18.34 10.06
CA SER B 149 -4.20 -17.51 8.86
C SER B 149 -3.54 -18.28 7.74
N ILE B 150 -3.98 -18.07 6.50
CA ILE B 150 -3.31 -18.65 5.34
C ILE B 150 -1.94 -17.99 5.09
N LYS B 151 -1.77 -16.77 5.58
CA LYS B 151 -0.53 -16.02 5.38
C LYS B 151 -0.42 -14.98 6.46
N THR B 152 0.77 -14.83 7.03
CA THR B 152 1.00 -13.79 8.03
C THR B 152 2.28 -13.02 7.74
N THR B 153 2.39 -11.84 8.33
CA THR B 153 3.67 -11.16 8.42
C THR B 153 3.84 -10.67 9.86
N THR B 154 5.09 -10.57 10.28
CA THR B 154 5.40 -10.02 11.59
C THR B 154 4.93 -8.55 11.69
N TRP B 155 4.27 -8.23 12.80
CA TRP B 155 3.83 -6.88 13.11
C TRP B 155 4.43 -6.47 14.42
N ASP B 156 5.25 -5.42 14.39
CA ASP B 156 5.85 -4.86 15.59
C ASP B 156 4.86 -3.89 16.25
N PHE B 157 3.85 -4.47 16.89
CA PHE B 157 2.84 -3.73 17.64
C PHE B 157 3.44 -2.77 18.65
N VAL B 158 2.90 -1.55 18.68
CA VAL B 158 3.25 -0.55 19.70
C VAL B 158 1.95 0.05 20.25
N LYS B 159 1.79 0.01 21.57
CA LYS B 159 0.54 0.45 22.20
C LYS B 159 0.28 1.96 22.01
N GLY B 160 -0.99 2.30 21.80
CA GLY B 160 -1.45 3.69 21.78
C GLY B 160 -1.02 4.51 20.58
N GLU B 161 -0.37 3.89 19.61
CA GLU B 161 0.07 4.59 18.40
C GLU B 161 -0.96 4.39 17.30
N ASN B 162 -1.38 5.48 16.66
CA ASN B 162 -2.32 5.36 15.55
C ASN B 162 -1.73 4.50 14.44
N ALA B 163 -2.50 3.54 13.96
CA ALA B 163 -2.10 2.64 12.87
C ALA B 163 -2.99 2.88 11.66
N GLU B 164 -2.37 3.03 10.49
CA GLU B 164 -3.14 3.23 9.25
C GLU B 164 -3.07 2.01 8.36
N VAL B 165 -4.23 1.45 8.06
CA VAL B 165 -4.28 0.22 7.29
C VAL B 165 -4.81 0.46 5.89
N LEU B 166 -4.24 -0.25 4.92
CA LEU B 166 -4.81 -0.31 3.59
C LEU B 166 -4.96 -1.76 3.18
N ILE B 167 -6.17 -2.15 2.79
CA ILE B 167 -6.40 -3.49 2.28
C ILE B 167 -6.97 -3.39 0.88
N THR B 168 -6.41 -4.15 -0.05
CA THR B 168 -6.89 -4.12 -1.43
C THR B 168 -7.11 -5.52 -1.96
N TYR B 169 -8.15 -5.66 -2.78
CA TYR B 169 -8.42 -6.91 -3.46
C TYR B 169 -8.60 -6.66 -4.94
N ASP B 170 -7.78 -7.35 -5.74
CA ASP B 170 -7.82 -7.22 -7.18
C ASP B 170 -8.40 -8.50 -7.76
N SER B 171 -9.60 -8.42 -8.33
CA SER B 171 -10.27 -9.63 -8.82
C SER B 171 -9.64 -10.23 -10.08
N SER B 172 -8.84 -9.43 -10.79
CA SER B 172 -8.18 -9.94 -12.00
C SER B 172 -6.98 -10.84 -11.66
N THR B 173 -6.36 -10.61 -10.50
CA THR B 173 -5.24 -11.45 -10.04
C THR B 173 -5.59 -12.31 -8.84
N LYS B 174 -6.77 -12.08 -8.25
CA LYS B 174 -7.21 -12.69 -6.98
C LYS B 174 -6.35 -12.32 -5.77
N LEU B 175 -5.53 -11.27 -5.89
CA LEU B 175 -4.58 -10.95 -4.83
C LEU B 175 -5.16 -10.04 -3.76
N LEU B 176 -5.12 -10.51 -2.52
CA LEU B 176 -5.48 -9.71 -1.38
C LEU B 176 -4.19 -9.22 -0.73
N VAL B 177 -4.07 -7.91 -0.61
CA VAL B 177 -2.91 -7.27 0.01
C VAL B 177 -3.30 -6.41 1.20
N ALA B 178 -2.57 -6.58 2.31
CA ALA B 178 -2.85 -5.84 3.51
C ALA B 178 -1.58 -5.20 4.04
N SER B 179 -1.65 -3.90 4.29
CA SER B 179 -0.51 -3.17 4.82
C SER B 179 -0.90 -2.28 5.98
N LEU B 180 0.05 -2.08 6.88
CA LEU B 180 -0.15 -1.24 8.05
C LEU B 180 1.07 -0.34 8.21
N VAL B 181 0.82 0.94 8.48
CA VAL B 181 1.91 1.86 8.82
C VAL B 181 1.61 2.56 10.15
N TYR B 182 2.67 2.83 10.90
CA TYR B 182 2.61 3.69 12.09
C TYR B 182 3.30 5.00 11.73
N PRO B 183 2.52 6.02 11.34
CA PRO B 183 3.19 7.24 10.86
C PRO B 183 4.15 7.89 11.87
N SER B 184 3.83 7.80 13.16
CA SER B 184 4.70 8.43 14.16
C SER B 184 6.04 7.67 14.31
N LEU B 185 6.01 6.38 14.02
CA LEU B 185 7.19 5.52 14.20
C LEU B 185 7.93 5.27 12.90
N LYS B 186 7.27 5.61 11.77
CA LYS B 186 7.82 5.43 10.43
C LYS B 186 8.01 3.95 10.05
N THR B 187 7.27 3.07 10.72
CA THR B 187 7.37 1.64 10.46
C THR B 187 6.22 1.16 9.57
N SER B 188 6.48 0.11 8.80
CA SER B 188 5.51 -0.38 7.84
C SER B 188 5.61 -1.90 7.67
N PHE B 189 4.47 -2.51 7.34
CA PHE B 189 4.34 -3.95 7.25
C PHE B 189 3.38 -4.31 6.14
N ILE B 190 3.64 -5.43 5.47
CA ILE B 190 2.79 -5.83 4.35
C ILE B 190 2.68 -7.35 4.26
N VAL B 191 1.49 -7.83 3.90
CA VAL B 191 1.25 -9.26 3.64
C VAL B 191 0.35 -9.41 2.42
N SER B 192 0.59 -10.43 1.60
CA SER B 192 -0.19 -10.65 0.40
C SER B 192 -0.38 -12.13 0.12
N ASP B 193 -1.53 -12.47 -0.42
CA ASP B 193 -1.84 -13.84 -0.83
C ASP B 193 -3.09 -13.83 -1.71
N THR B 194 -3.27 -14.88 -2.51
CA THR B 194 -4.47 -14.98 -3.33
C THR B 194 -5.63 -15.58 -2.51
N VAL B 195 -6.84 -15.04 -2.74
CA VAL B 195 -8.05 -15.57 -2.12
C VAL B 195 -9.08 -15.71 -3.23
N ASP B 196 -9.73 -16.87 -3.29
CA ASP B 196 -10.78 -17.10 -4.26
C ASP B 196 -12.12 -16.77 -3.59
N LEU B 197 -12.59 -15.53 -3.78
CA LEU B 197 -13.80 -15.05 -3.11
C LEU B 197 -15.06 -15.82 -3.53
N LYS B 198 -15.12 -16.17 -4.81
CA LYS B 198 -16.19 -16.95 -5.42
C LYS B 198 -16.53 -18.22 -4.63
N SER B 199 -15.49 -18.92 -4.15
CA SER B 199 -15.67 -20.20 -3.47
C SER B 199 -15.81 -20.09 -1.95
N VAL B 200 -15.67 -18.89 -1.39
CA VAL B 200 -15.71 -18.70 0.06
C VAL B 200 -16.92 -17.90 0.55
N LEU B 201 -17.18 -16.78 -0.11
CA LEU B 201 -18.21 -15.84 0.33
C LEU B 201 -19.48 -15.99 -0.47
N PRO B 202 -20.65 -15.68 0.13
CA PRO B 202 -21.88 -15.58 -0.64
C PRO B 202 -21.79 -14.36 -1.56
N GLU B 203 -22.62 -14.31 -2.59
CA GLU B 203 -22.65 -13.20 -3.55
C GLU B 203 -22.74 -11.82 -2.91
N TRP B 204 -23.49 -11.73 -1.81
CA TRP B 204 -23.64 -10.48 -1.05
C TRP B 204 -23.10 -10.61 0.34
N VAL B 205 -22.40 -9.58 0.78
CA VAL B 205 -21.73 -9.59 2.08
C VAL B 205 -21.99 -8.32 2.88
N ILE B 206 -21.69 -8.37 4.16
CA ILE B 206 -21.57 -7.16 4.97
C ILE B 206 -20.09 -6.95 5.26
N VAL B 207 -19.67 -5.70 5.27
CA VAL B 207 -18.28 -5.34 5.52
C VAL B 207 -18.15 -4.57 6.83
N GLY B 208 -17.05 -4.81 7.54
CA GLY B 208 -16.83 -4.11 8.77
C GLY B 208 -15.74 -4.71 9.63
N PHE B 209 -15.93 -4.63 10.95
CA PHE B 209 -14.89 -4.96 11.90
C PHE B 209 -15.37 -5.93 12.98
N THR B 210 -14.39 -6.59 13.60
CA THR B 210 -14.61 -7.41 14.78
C THR B 210 -13.42 -7.21 15.71
N ALA B 211 -13.65 -7.30 17.01
CA ALA B 211 -12.56 -7.16 17.97
C ALA B 211 -12.90 -7.86 19.28
N THR B 212 -11.85 -8.25 20.00
CA THR B 212 -12.00 -8.92 21.29
C THR B 212 -10.92 -8.46 22.25
N THR B 213 -11.21 -8.55 23.55
CA THR B 213 -10.21 -8.40 24.58
C THR B 213 -9.89 -9.78 25.18
N GLY B 214 -8.75 -9.90 25.84
CA GLY B 214 -8.33 -11.16 26.45
C GLY B 214 -9.28 -11.57 27.57
N ILE B 215 -9.49 -12.87 27.71
CA ILE B 215 -10.35 -13.41 28.77
C ILE B 215 -9.61 -13.65 30.09
N THR B 216 -8.32 -13.31 30.12
CA THR B 216 -7.44 -13.58 31.27
C THR B 216 -6.75 -12.31 31.74
N LYS B 217 -6.80 -12.05 33.04
CA LYS B 217 -6.23 -10.84 33.66
C LYS B 217 -4.79 -10.59 33.24
N GLY B 218 -4.52 -9.36 32.83
CA GLY B 218 -3.20 -8.96 32.35
C GLY B 218 -3.11 -8.92 30.83
N ASN B 219 -4.16 -9.40 30.16
CA ASN B 219 -4.24 -9.40 28.70
C ASN B 219 -5.46 -8.63 28.22
N VAL B 220 -5.30 -7.32 28.01
CA VAL B 220 -6.41 -6.45 27.69
C VAL B 220 -5.98 -5.26 26.81
N GLU B 221 -6.92 -4.68 26.07
CA GLU B 221 -6.65 -3.57 25.17
C GLU B 221 -7.94 -2.87 24.71
N THR B 222 -7.82 -1.59 24.34
CA THR B 222 -8.87 -0.90 23.58
C THR B 222 -8.74 -1.28 22.10
N ASN B 223 -9.87 -1.28 21.38
CA ASN B 223 -9.91 -1.56 19.95
C ASN B 223 -10.76 -0.50 19.24
N ASP B 224 -10.18 0.68 19.07
CA ASP B 224 -10.90 1.84 18.55
C ASP B 224 -10.59 2.09 17.06
N ILE B 225 -11.63 2.18 16.25
CA ILE B 225 -11.50 2.59 14.85
C ILE B 225 -11.81 4.09 14.76
N LEU B 226 -10.84 4.86 14.27
CA LEU B 226 -10.90 6.33 14.23
C LEU B 226 -11.39 6.88 12.89
N SER B 227 -11.13 6.16 11.79
CA SER B 227 -11.67 6.53 10.47
C SER B 227 -11.74 5.31 9.57
N TRP B 228 -12.61 5.35 8.57
CA TRP B 228 -12.81 4.21 7.68
C TRP B 228 -13.30 4.63 6.32
N SER B 229 -12.62 4.16 5.28
CA SER B 229 -13.06 4.33 3.91
C SER B 229 -13.14 2.98 3.22
N PHE B 230 -14.12 2.82 2.35
CA PHE B 230 -14.34 1.58 1.61
C PHE B 230 -14.77 1.94 0.20
N ALA B 231 -14.36 1.10 -0.77
CA ALA B 231 -14.76 1.26 -2.16
C ALA B 231 -14.77 -0.11 -2.81
N SER B 232 -15.75 -0.36 -3.66
CA SER B 232 -15.80 -1.61 -4.40
C SER B 232 -16.44 -1.39 -5.77
N LYS B 233 -16.07 -2.24 -6.72
CA LYS B 233 -16.49 -2.09 -8.10
C LYS B 233 -16.75 -3.49 -8.66
N LEU B 234 -17.91 -3.65 -9.31
CA LEU B 234 -18.25 -4.94 -9.90
C LEU B 234 -18.70 -4.73 -11.34
N SER B 235 -18.05 -5.40 -12.29
CA SER B 235 -18.43 -5.24 -13.69
C SER B 235 -19.60 -6.15 -14.08
N LEU B 243 -9.39 -1.55 -9.17
CA LEU B 243 -9.57 -0.20 -8.61
C LEU B 243 -8.38 0.71 -8.86
N ASN B 244 -8.64 2.02 -8.92
CA ASN B 244 -7.59 3.03 -9.01
C ASN B 244 -7.06 3.31 -7.59
N LEU B 245 -5.94 2.70 -7.26
CA LEU B 245 -5.38 2.80 -5.91
C LEU B 245 -4.78 4.17 -5.60
N ALA B 246 -4.27 4.86 -6.63
CA ALA B 246 -3.81 6.24 -6.44
C ALA B 246 -4.98 7.12 -5.99
N ASN B 247 -6.13 7.02 -6.67
CA ASN B 247 -7.35 7.72 -6.23
C ASN B 247 -7.86 7.33 -4.85
N PHE B 248 -7.93 6.02 -4.59
CA PHE B 248 -8.44 5.56 -3.32
C PHE B 248 -7.58 6.03 -2.12
N ALA B 249 -6.28 5.79 -2.21
CA ALA B 249 -5.35 6.11 -1.11
C ALA B 249 -5.42 7.58 -0.67
N LEU B 250 -5.72 8.47 -1.61
CA LEU B 250 -5.71 9.91 -1.34
C LEU B 250 -6.90 10.40 -0.51
C1 MAN C . 30.73 3.02 -12.32
C2 MAN C . 29.40 2.36 -12.67
C3 MAN C . 28.30 3.43 -12.70
C4 MAN C . 28.22 4.13 -11.34
C5 MAN C . 29.59 4.76 -11.05
C6 MAN C . 29.65 5.49 -9.72
O1 MAN C . 31.15 3.88 -13.37
O2 MAN C . 29.05 1.44 -11.65
O3 MAN C . 27.07 2.80 -12.97
O4 MAN C . 27.18 5.11 -11.30
O5 MAN C . 30.59 3.74 -11.09
O6 MAN C . 30.86 6.23 -9.66
C1 NAG C . 29.47 0.10 -11.96
C2 NAG C . 29.75 -0.60 -10.63
C3 NAG C . 30.13 -2.05 -10.89
C4 NAG C . 29.11 -2.77 -11.76
C5 NAG C . 28.83 -1.95 -13.03
C6 NAG C . 27.69 -2.52 -13.86
C7 NAG C . 30.67 0.87 -8.89
C8 NAG C . 31.91 1.51 -8.34
N2 NAG C . 30.83 0.10 -9.97
O3 NAG C . 30.30 -2.73 -9.66
O4 NAG C . 29.70 -4.02 -12.10
O5 NAG C . 28.48 -0.62 -12.69
O6 NAG C . 27.53 -1.72 -15.02
O7 NAG C . 29.57 1.07 -8.36
C1 GAL C . 28.85 -5.12 -11.81
C2 GAL C . 29.60 -6.39 -12.23
C3 GAL C . 28.78 -7.61 -11.81
C4 GAL C . 28.42 -7.54 -10.33
C5 GAL C . 27.71 -6.22 -10.00
C6 GAL C . 27.47 -6.00 -8.50
O2 GAL C . 29.86 -6.36 -13.63
O3 GAL C . 29.53 -8.79 -12.07
O4 GAL C . 29.62 -7.60 -9.57
O5 GAL C . 28.54 -5.16 -10.43
O6 GAL C . 26.59 -6.95 -7.95
C1 MAN D . -8.17 -19.74 25.70
C2 MAN D . -7.87 -18.27 25.36
C3 MAN D . -8.81 -17.79 24.25
C4 MAN D . -8.70 -18.71 23.04
C5 MAN D . -9.00 -20.14 23.47
C6 MAN D . -8.88 -21.11 22.32
O1 MAN D . -9.42 -19.84 26.35
O2 MAN D . -6.53 -18.14 24.94
O3 MAN D . -8.52 -16.44 23.93
O4 MAN D . -9.61 -18.34 22.02
O5 MAN D . -8.13 -20.53 24.52
O6 MAN D . -8.83 -22.42 22.82
C1 NAG D . -5.66 -17.76 26.01
C2 NAG D . -4.25 -18.32 25.76
C3 NAG D . -3.27 -17.85 26.84
C4 NAG D . -3.30 -16.33 26.96
C5 NAG D . -4.76 -15.92 27.24
C6 NAG D . -4.96 -14.43 27.41
C7 NAG D . -4.47 -20.46 24.59
C8 NAG D . -4.50 -21.96 24.76
N2 NAG D . -4.31 -19.76 25.71
O3 NAG D . -1.96 -18.28 26.54
O4 NAG D . -2.40 -15.88 27.95
O5 NAG D . -5.61 -16.36 26.19
O6 NAG D . -6.35 -14.16 27.43
O7 NAG D . -4.57 -19.98 23.47
C1 NAG E . 0.13 8.78 -30.36
C2 NAG E . 0.76 7.84 -31.40
C3 NAG E . 1.17 8.60 -32.66
C4 NAG E . -0.02 9.38 -33.24
C5 NAG E . -0.66 10.22 -32.11
C6 NAG E . -1.98 10.81 -32.60
C7 NAG E . 1.92 5.83 -30.66
C8 NAG E . 3.19 5.22 -30.13
N2 NAG E . 1.94 7.14 -30.88
O3 NAG E . 1.71 7.70 -33.61
O4 NAG E . 0.44 10.20 -34.29
O5 NAG E . -0.95 9.48 -30.93
O6 NAG E . -1.85 12.20 -32.47
O7 NAG E . 0.91 5.14 -30.85
MN MN F . 20.15 2.01 -4.24
CA CA G . 22.35 0.72 -7.50
C1 EDO H . -0.07 -2.14 -1.91
O1 EDO H . 0.98 -2.04 -2.87
C2 EDO H . -1.37 -2.57 -2.58
O2 EDO H . -2.35 -2.75 -1.56
C1 EDO I . 0.05 3.04 2.05
O1 EDO I . 0.92 3.50 1.03
C2 EDO I . 0.48 1.64 2.46
O2 EDO I . -0.40 1.12 3.47
C1 EDO J . -3.03 20.06 -7.00
O1 EDO J . -3.02 19.55 -8.33
C2 EDO J . -2.10 19.30 -6.07
O2 EDO J . -0.88 19.06 -6.76
C1 EDO K . 11.22 18.73 -18.01
O1 EDO K . 12.43 19.32 -18.47
C2 EDO K . 10.05 19.56 -18.52
O2 EDO K . 9.67 20.55 -17.55
C1 EDO L . -0.71 8.48 -21.61
O1 EDO L . 0.50 8.91 -22.20
C2 EDO L . -1.87 8.84 -22.53
O2 EDO L . -2.18 7.71 -23.35
C1 NAG M . -25.71 10.41 15.74
C2 NAG M . -25.10 11.30 16.82
C3 NAG M . -26.16 11.57 17.88
C4 NAG M . -27.49 12.06 17.30
C5 NAG M . -27.85 11.49 15.92
C6 NAG M . -28.65 12.57 15.19
C7 NAG M . -22.71 11.27 17.39
C8 NAG M . -21.58 10.49 18.01
N2 NAG M . -23.91 10.68 17.39
O3 NAG M . -25.66 12.58 18.75
O4 NAG M . -28.55 11.78 18.20
O5 NAG M . -26.74 11.13 15.09
O6 NAG M . -29.35 12.01 14.11
O7 NAG M . -22.48 12.39 16.93
MN MN N . -3.29 -14.86 14.54
CA CA O . -4.08 -14.64 18.44
#